data_4YWR
#
_entry.id   4YWR
#
_cell.length_a   58.820
_cell.length_b   108.100
_cell.length_c   88.880
_cell.angle_alpha   90.000
_cell.angle_beta   90.000
_cell.angle_gamma   90.000
#
_symmetry.space_group_name_H-M   'C 2 2 21'
#
loop_
_entity.id
_entity.type
_entity.pdbx_description
1 polymer 'Putative hydroxymethylpyrimidine kinase/phosphomethylpyrimidine kinase'
2 non-polymer "PYRIDOXAL-5'-PHOSPHATE"
3 water water
#
_entity_poly.entity_id   1
_entity_poly.type   'polypeptide(L)'
_entity_poly.pdbx_seq_one_letter_code
;MAHHHHHHVRPTVLCFSGLDPSGGAGLQADIEAIGQSGAHAAIACTALTIQNSQQVFGFEATSKELLLAQANAVVGDLPI
KCVKSGMLGTTDNIAALAEFLRAHPDYQYVLDPVLVANSGGSLGDQATLVKAFVELIPLATLITPNTVELRALTGVTDLD
QATQKLFEMGAKAVLVKGGHEDTPDFIKNSLYIDGELAASSTCPRLEGEYHGSGCSLASFIAGRLALGDSLKIAVQHAET
WLFGVLKNAETPVLNGQKIPKRF
;
_entity_poly.pdbx_strand_id   A
#
loop_
_chem_comp.id
_chem_comp.type
_chem_comp.name
_chem_comp.formula
PLP non-polymer PYRIDOXAL-5'-PHOSPHATE 'C8 H10 N O6 P'
#
# COMPACT_ATOMS: atom_id res chain seq x y z
N ARG A 10 -19.71 8.31 -5.36
CA ARG A 10 -18.76 7.40 -4.71
C ARG A 10 -17.40 7.38 -5.42
N PRO A 11 -16.43 8.08 -4.86
CA PRO A 11 -15.11 8.13 -5.47
CA PRO A 11 -15.10 8.13 -5.47
C PRO A 11 -14.44 6.75 -5.49
N THR A 12 -13.61 6.54 -6.50
CA THR A 12 -13.00 5.24 -6.74
C THR A 12 -11.54 5.23 -6.32
N VAL A 13 -11.13 4.12 -5.70
CA VAL A 13 -9.73 3.80 -5.47
C VAL A 13 -9.38 2.69 -6.43
N LEU A 14 -8.39 2.92 -7.29
CA LEU A 14 -7.90 1.89 -8.22
C LEU A 14 -6.72 1.19 -7.56
N CYS A 15 -6.86 -0.14 -7.38
CA CYS A 15 -5.87 -0.93 -6.65
C CYS A 15 -5.04 -1.77 -7.62
N PHE A 16 -3.74 -1.58 -7.59
CA PHE A 16 -2.80 -2.44 -8.28
C PHE A 16 -2.35 -3.48 -7.27
N SER A 17 -3.00 -4.64 -7.28
CA SER A 17 -2.84 -5.60 -6.19
C SER A 17 -2.94 -7.00 -6.76
N GLY A 18 -2.35 -7.95 -6.04
CA GLY A 18 -2.41 -9.34 -6.45
C GLY A 18 -3.58 -10.07 -5.85
N LEU A 19 -3.92 -11.20 -6.46
CA LEU A 19 -5.01 -12.04 -5.99
CA LEU A 19 -5.02 -12.05 -6.01
C LEU A 19 -4.48 -13.17 -5.13
N ASP A 20 -4.99 -13.26 -3.91
CA ASP A 20 -4.70 -14.34 -2.98
C ASP A 20 -5.93 -15.24 -2.93
N PRO A 21 -5.88 -16.44 -3.53
CA PRO A 21 -7.09 -17.29 -3.57
C PRO A 21 -7.68 -17.58 -2.22
N SER A 22 -6.87 -17.69 -1.17
CA SER A 22 -7.43 -18.01 0.14
C SER A 22 -8.17 -16.84 0.76
N GLY A 23 -8.05 -15.64 0.21
CA GLY A 23 -8.85 -14.52 0.66
C GLY A 23 -8.37 -13.85 1.91
N GLY A 24 -7.15 -14.13 2.36
CA GLY A 24 -6.64 -13.52 3.57
C GLY A 24 -5.96 -12.19 3.33
N ALA A 25 -5.56 -11.94 2.09
CA ALA A 25 -4.78 -10.76 1.76
C ALA A 25 -5.04 -10.39 0.31
N GLY A 26 -4.32 -9.37 -0.16
CA GLY A 26 -4.41 -9.03 -1.57
C GLY A 26 -5.65 -8.22 -1.91
N LEU A 27 -6.03 -8.31 -3.18
CA LEU A 27 -7.09 -7.44 -3.65
C LEU A 27 -8.41 -7.70 -2.94
N GLN A 28 -8.61 -8.92 -2.42
CA GLN A 28 -9.81 -9.17 -1.62
C GLN A 28 -9.82 -8.30 -0.37
N ALA A 29 -8.69 -8.23 0.33
CA ALA A 29 -8.62 -7.35 1.50
C ALA A 29 -8.76 -5.89 1.10
N ASP A 30 -8.24 -5.50 -0.07
CA ASP A 30 -8.45 -4.13 -0.54
C ASP A 30 -9.93 -3.83 -0.73
N ILE A 31 -10.65 -4.75 -1.38
CA ILE A 31 -12.07 -4.57 -1.65
C ILE A 31 -12.82 -4.39 -0.34
N GLU A 32 -12.53 -5.25 0.65
CA GLU A 32 -13.23 -5.16 1.93
C GLU A 32 -12.94 -3.84 2.64
N ALA A 33 -11.66 -3.46 2.70
CA ALA A 33 -11.30 -2.23 3.41
C ALA A 33 -11.86 -1.01 2.71
N ILE A 34 -11.76 -0.96 1.38
CA ILE A 34 -12.23 0.23 0.67
C ILE A 34 -13.73 0.37 0.81
N GLY A 35 -14.46 -0.75 0.75
CA GLY A 35 -15.90 -0.68 0.97
C GLY A 35 -16.24 -0.14 2.35
N GLN A 36 -15.49 -0.58 3.36
CA GLN A 36 -15.77 -0.09 4.71
C GLN A 36 -15.39 1.37 4.87
N SER A 37 -14.42 1.85 4.08
CA SER A 37 -14.05 3.26 4.13
C SER A 37 -15.11 4.17 3.52
N GLY A 38 -16.00 3.63 2.70
CA GLY A 38 -17.02 4.42 2.06
C GLY A 38 -16.76 4.76 0.61
N ALA A 39 -15.65 4.29 0.05
CA ALA A 39 -15.29 4.53 -1.34
C ALA A 39 -15.60 3.29 -2.17
N HIS A 40 -15.38 3.40 -3.47
CA HIS A 40 -15.57 2.28 -4.39
C HIS A 40 -14.22 1.74 -4.82
N ALA A 41 -14.08 0.41 -4.81
CA ALA A 41 -12.83 -0.22 -5.21
C ALA A 41 -12.89 -0.61 -6.68
N ALA A 42 -11.83 -0.28 -7.41
CA ALA A 42 -11.56 -0.82 -8.74
C ALA A 42 -10.21 -1.52 -8.69
N ILE A 43 -10.01 -2.50 -9.58
CA ILE A 43 -8.88 -3.42 -9.45
C ILE A 43 -8.13 -3.56 -10.77
N ALA A 44 -6.82 -3.38 -10.72
CA ALA A 44 -5.92 -3.79 -11.79
C ALA A 44 -5.06 -4.89 -11.21
N CYS A 45 -5.38 -6.15 -11.54
CA CYS A 45 -4.76 -7.30 -10.91
C CYS A 45 -3.34 -7.51 -11.43
N THR A 46 -2.35 -7.50 -10.52
CA THR A 46 -0.95 -7.59 -10.85
C THR A 46 -0.44 -9.02 -10.89
N ALA A 47 -1.19 -9.97 -10.34
CA ALA A 47 -0.71 -11.35 -10.27
C ALA A 47 -1.84 -12.25 -9.81
N LEU A 48 -1.86 -13.46 -10.35
CA LEU A 48 -2.69 -14.54 -9.83
C LEU A 48 -1.76 -15.42 -9.01
N THR A 49 -1.89 -15.34 -7.70
CA THR A 49 -1.00 -16.14 -6.84
C THR A 49 -1.63 -17.48 -6.53
N ILE A 50 -0.76 -18.43 -6.19
CA ILE A 50 -1.14 -19.77 -5.74
CA ILE A 50 -1.15 -19.76 -5.74
C ILE A 50 -0.67 -19.84 -4.30
N GLN A 51 -1.58 -19.70 -3.35
CA GLN A 51 -1.14 -19.59 -1.96
C GLN A 51 -2.33 -19.81 -1.04
N ASN A 52 -2.02 -20.07 0.22
CA ASN A 52 -3.02 -20.12 1.27
C ASN A 52 -2.39 -19.49 2.51
N SER A 53 -3.05 -19.63 3.67
CA SER A 53 -2.55 -18.96 4.87
C SER A 53 -1.17 -19.45 5.29
N GLN A 54 -0.76 -20.62 4.82
CA GLN A 54 0.45 -21.25 5.33
C GLN A 54 1.66 -21.04 4.43
N GLN A 55 1.47 -20.80 3.15
CA GLN A 55 2.62 -20.74 2.24
C GLN A 55 2.17 -20.20 0.89
N VAL A 56 3.16 -19.71 0.14
CA VAL A 56 2.98 -19.29 -1.24
C VAL A 56 3.61 -20.37 -2.12
N PHE A 57 2.81 -20.97 -2.98
CA PHE A 57 3.34 -21.99 -3.88
C PHE A 57 3.96 -21.37 -5.12
N GLY A 58 3.44 -20.23 -5.55
CA GLY A 58 3.96 -19.56 -6.72
C GLY A 58 3.00 -18.46 -7.12
N PHE A 59 3.31 -17.83 -8.26
CA PHE A 59 2.36 -16.87 -8.78
C PHE A 59 2.64 -16.64 -10.25
N GLU A 60 1.61 -16.20 -10.96
CA GLU A 60 1.72 -15.82 -12.36
CA GLU A 60 1.73 -15.81 -12.36
C GLU A 60 1.51 -14.31 -12.42
N ALA A 61 2.59 -13.58 -12.64
CA ALA A 61 2.47 -12.13 -12.70
C ALA A 61 1.72 -11.72 -13.96
N THR A 62 0.87 -10.72 -13.81
CA THR A 62 0.20 -10.15 -14.96
C THR A 62 1.23 -9.42 -15.82
N SER A 63 1.10 -9.56 -17.14
CA SER A 63 1.99 -8.81 -18.02
C SER A 63 1.76 -7.30 -17.84
N LYS A 64 2.77 -6.51 -18.19
CA LYS A 64 2.58 -5.06 -18.09
C LYS A 64 1.44 -4.61 -19.00
N GLU A 65 1.29 -5.26 -20.16
CA GLU A 65 0.24 -4.86 -21.10
C GLU A 65 -1.14 -5.13 -20.53
N LEU A 66 -1.34 -6.32 -19.94
CA LEU A 66 -2.66 -6.63 -19.39
C LEU A 66 -2.92 -5.84 -18.11
N LEU A 67 -1.87 -5.51 -17.35
CA LEU A 67 -2.03 -4.68 -16.17
C LEU A 67 -2.55 -3.30 -16.55
N LEU A 68 -1.89 -2.66 -17.51
CA LEU A 68 -2.32 -1.33 -17.92
C LEU A 68 -3.66 -1.37 -18.63
N ALA A 69 -3.98 -2.47 -19.33
CA ALA A 69 -5.27 -2.58 -19.98
C ALA A 69 -6.41 -2.56 -18.96
N GLN A 70 -6.23 -3.28 -17.85
CA GLN A 70 -7.23 -3.24 -16.78
C GLN A 70 -7.38 -1.84 -16.23
N ALA A 71 -6.24 -1.21 -15.89
CA ALA A 71 -6.28 0.12 -15.32
C ALA A 71 -6.92 1.11 -16.28
N ASN A 72 -6.55 1.05 -17.56
CA ASN A 72 -7.06 2.02 -18.51
C ASN A 72 -8.54 1.83 -18.81
N ALA A 73 -9.05 0.61 -18.62
CA ALA A 73 -10.49 0.40 -18.77
C ALA A 73 -11.27 1.17 -17.70
N VAL A 74 -10.69 1.28 -16.51
CA VAL A 74 -11.33 1.99 -15.41
C VAL A 74 -11.25 3.50 -15.64
N VAL A 75 -10.11 3.97 -16.16
CA VAL A 75 -9.94 5.38 -16.46
C VAL A 75 -11.00 5.82 -17.47
N GLY A 76 -11.58 6.98 -17.21
CA GLY A 76 -12.62 7.52 -18.06
C GLY A 76 -14.03 7.05 -17.73
N ASP A 77 -14.16 5.84 -17.18
CA ASP A 77 -15.47 5.36 -16.75
C ASP A 77 -15.76 5.73 -15.30
N LEU A 78 -14.78 5.59 -14.43
CA LEU A 78 -14.97 5.79 -13.00
C LEU A 78 -14.20 7.01 -12.50
N PRO A 79 -14.71 7.68 -11.48
CA PRO A 79 -14.03 8.85 -10.91
C PRO A 79 -12.90 8.43 -9.99
N ILE A 80 -11.78 8.03 -10.61
CA ILE A 80 -10.60 7.64 -9.86
C ILE A 80 -10.06 8.86 -9.13
N LYS A 81 -9.98 8.76 -7.81
CA LYS A 81 -9.35 9.81 -7.02
C LYS A 81 -8.05 9.36 -6.39
N CYS A 82 -7.89 8.06 -6.16
CA CYS A 82 -6.69 7.58 -5.49
C CYS A 82 -6.31 6.24 -6.10
N VAL A 83 -5.02 6.00 -6.19
CA VAL A 83 -4.47 4.70 -6.54
C VAL A 83 -3.86 4.10 -5.28
N LYS A 84 -3.97 2.79 -5.13
CA LYS A 84 -3.29 2.08 -4.06
C LYS A 84 -2.57 0.91 -4.70
N SER A 85 -1.33 0.65 -4.28
CA SER A 85 -0.63 -0.54 -4.77
C SER A 85 -0.29 -1.45 -3.61
N GLY A 86 -0.38 -2.76 -3.86
CA GLY A 86 0.13 -3.75 -2.93
C GLY A 86 1.18 -4.58 -3.64
N MET A 87 0.91 -5.87 -3.78
CA MET A 87 1.81 -6.72 -4.54
C MET A 87 1.87 -6.25 -5.98
N LEU A 88 3.08 -6.04 -6.47
CA LEU A 88 3.29 -5.77 -7.88
C LEU A 88 3.98 -6.90 -8.61
N GLY A 89 4.75 -7.72 -7.89
CA GLY A 89 5.28 -8.98 -8.42
C GLY A 89 6.55 -8.88 -9.22
N THR A 90 6.60 -7.94 -10.16
CA THR A 90 7.71 -7.84 -11.09
C THR A 90 8.15 -6.39 -11.21
N THR A 91 9.41 -6.22 -11.62
CA THR A 91 9.90 -4.87 -11.89
C THR A 91 9.19 -4.25 -13.09
N ASP A 92 8.76 -5.07 -14.05
CA ASP A 92 7.95 -4.56 -15.16
C ASP A 92 6.67 -3.93 -14.63
N ASN A 93 6.03 -4.55 -13.65
CA ASN A 93 4.76 -4.00 -13.19
C ASN A 93 4.96 -2.77 -12.33
N ILE A 94 6.08 -2.71 -11.58
CA ILE A 94 6.42 -1.49 -10.87
C ILE A 94 6.60 -0.35 -11.88
N ALA A 95 7.32 -0.63 -12.97
CA ALA A 95 7.54 0.40 -13.99
C ALA A 95 6.23 0.78 -14.66
N ALA A 96 5.33 -0.20 -14.88
CA ALA A 96 4.05 0.11 -15.50
C ALA A 96 3.19 0.98 -14.60
N LEU A 97 3.19 0.69 -13.31
CA LEU A 97 2.44 1.54 -12.37
C LEU A 97 3.04 2.95 -12.35
N ALA A 98 4.37 3.06 -12.30
CA ALA A 98 4.97 4.39 -12.33
C ALA A 98 4.57 5.14 -13.59
N GLU A 99 4.59 4.45 -14.73
CA GLU A 99 4.15 5.06 -15.98
C GLU A 99 2.70 5.55 -15.87
N PHE A 100 1.83 4.71 -15.32
CA PHE A 100 0.43 5.09 -15.14
C PHE A 100 0.31 6.30 -14.24
N LEU A 101 1.01 6.29 -13.10
CA LEU A 101 0.92 7.42 -12.17
C LEU A 101 1.44 8.71 -12.80
N ARG A 102 2.53 8.63 -13.57
CA ARG A 102 3.05 9.84 -14.19
CA ARG A 102 3.06 9.83 -14.20
C ARG A 102 2.12 10.37 -15.27
N ALA A 103 1.26 9.53 -15.83
CA ALA A 103 0.26 10.01 -16.75
C ALA A 103 -0.93 10.66 -16.04
N HIS A 104 -1.04 10.45 -14.71
CA HIS A 104 -2.15 10.97 -13.93
C HIS A 104 -1.63 11.56 -12.63
N PRO A 105 -0.86 12.65 -12.71
CA PRO A 105 -0.31 13.23 -11.49
C PRO A 105 -1.39 13.78 -10.55
N ASP A 106 -2.62 13.93 -11.04
CA ASP A 106 -3.71 14.40 -10.18
C ASP A 106 -4.21 13.31 -9.24
N TYR A 107 -3.92 12.04 -9.53
CA TYR A 107 -4.38 10.97 -8.63
C TYR A 107 -3.52 10.97 -7.37
N GLN A 108 -4.17 10.79 -6.22
CA GLN A 108 -3.40 10.47 -5.03
C GLN A 108 -2.94 9.02 -5.14
N TYR A 109 -1.90 8.69 -4.38
CA TYR A 109 -1.32 7.35 -4.50
C TYR A 109 -0.86 6.89 -3.14
N VAL A 110 -1.37 5.74 -2.70
CA VAL A 110 -0.92 5.11 -1.46
C VAL A 110 -0.10 3.89 -1.85
N LEU A 111 1.18 3.93 -1.49
CA LEU A 111 2.13 2.87 -1.79
CA LEU A 111 2.13 2.87 -1.79
C LEU A 111 2.25 1.95 -0.58
N ASP A 112 1.74 0.72 -0.69
CA ASP A 112 2.01 -0.28 0.35
C ASP A 112 3.12 -1.17 -0.16
N PRO A 113 4.33 -1.07 0.35
CA PRO A 113 5.50 -1.68 -0.31
C PRO A 113 5.63 -3.17 -0.01
N VAL A 114 4.75 -3.96 -0.61
CA VAL A 114 4.69 -5.40 -0.34
C VAL A 114 5.90 -6.07 -0.97
N LEU A 115 6.73 -6.71 -0.13
CA LEU A 115 7.94 -7.38 -0.58
C LEU A 115 7.91 -8.87 -0.38
N VAL A 116 7.03 -9.35 0.51
CA VAL A 116 6.95 -10.75 0.90
C VAL A 116 5.53 -10.98 1.38
N ALA A 117 5.10 -12.24 1.35
CA ALA A 117 3.82 -12.56 1.95
C ALA A 117 3.96 -12.64 3.47
N ASN A 118 2.85 -12.35 4.17
CA ASN A 118 2.85 -12.48 5.62
C ASN A 118 3.24 -13.88 6.06
N SER A 119 2.89 -14.91 5.27
CA SER A 119 3.30 -16.28 5.55
C SER A 119 4.81 -16.50 5.40
N GLY A 120 5.53 -15.54 4.82
CA GLY A 120 6.94 -15.70 4.52
C GLY A 120 7.23 -16.09 3.09
N GLY A 121 6.22 -16.48 2.32
CA GLY A 121 6.46 -16.92 0.96
C GLY A 121 6.75 -15.78 0.02
N SER A 122 7.39 -16.12 -1.09
CA SER A 122 7.89 -15.12 -2.03
C SER A 122 6.77 -14.52 -2.87
N LEU A 123 6.70 -13.19 -2.90
CA LEU A 123 5.87 -12.45 -3.84
C LEU A 123 6.76 -11.67 -4.82
N GLY A 124 7.95 -12.20 -5.09
CA GLY A 124 8.91 -11.57 -5.98
C GLY A 124 10.29 -11.49 -5.35
N ASP A 125 11.27 -11.22 -6.20
CA ASP A 125 12.64 -11.12 -5.71
C ASP A 125 12.82 -9.81 -4.96
N GLN A 126 13.13 -9.90 -3.67
CA GLN A 126 13.10 -8.68 -2.84
C GLN A 126 14.17 -7.69 -3.25
N ALA A 127 15.37 -8.16 -3.59
CA ALA A 127 16.42 -7.21 -3.91
C ALA A 127 16.05 -6.40 -5.14
N THR A 128 15.54 -7.05 -6.18
CA THR A 128 15.22 -6.26 -7.37
C THR A 128 13.95 -5.45 -7.17
N LEU A 129 13.00 -5.93 -6.35
CA LEU A 129 11.84 -5.11 -6.02
C LEU A 129 12.24 -3.87 -5.24
N VAL A 130 13.12 -4.03 -4.24
CA VAL A 130 13.60 -2.87 -3.49
C VAL A 130 14.18 -1.83 -4.43
N LYS A 131 15.00 -2.27 -5.40
CA LYS A 131 15.63 -1.30 -6.30
C LYS A 131 14.60 -0.65 -7.21
N ALA A 132 13.60 -1.43 -7.65
CA ALA A 132 12.59 -0.87 -8.54
C ALA A 132 11.67 0.10 -7.79
N PHE A 133 11.46 -0.10 -6.50
CA PHE A 133 10.57 0.78 -5.75
C PHE A 133 11.09 2.21 -5.66
N VAL A 134 12.38 2.41 -5.92
CA VAL A 134 12.93 3.77 -5.93
C VAL A 134 12.08 4.69 -6.79
N GLU A 135 11.55 4.15 -7.89
CA GLU A 135 10.79 4.96 -8.86
C GLU A 135 9.44 5.40 -8.28
N LEU A 136 8.83 4.57 -7.44
CA LEU A 136 7.49 4.84 -6.91
C LEU A 136 7.51 5.69 -5.65
N ILE A 137 8.60 5.64 -4.89
CA ILE A 137 8.66 6.38 -3.61
C ILE A 137 8.31 7.86 -3.78
N PRO A 138 8.86 8.60 -4.75
CA PRO A 138 8.53 10.03 -4.85
C PRO A 138 7.13 10.29 -5.37
N LEU A 139 6.47 9.31 -5.95
CA LEU A 139 5.15 9.49 -6.54
C LEU A 139 4.03 9.31 -5.53
N ALA A 140 4.32 8.80 -4.34
CA ALA A 140 3.28 8.43 -3.39
C ALA A 140 2.83 9.61 -2.56
N THR A 141 1.52 9.73 -2.38
CA THR A 141 0.96 10.62 -1.38
C THR A 141 1.33 10.13 0.01
N LEU A 142 1.36 8.81 0.17
CA LEU A 142 1.64 8.18 1.46
C LEU A 142 2.28 6.83 1.15
N ILE A 143 3.36 6.50 1.86
CA ILE A 143 3.94 5.16 1.88
C ILE A 143 3.62 4.55 3.23
N THR A 144 3.21 3.27 3.25
CA THR A 144 2.80 2.61 4.49
C THR A 144 3.67 1.39 4.79
N PRO A 145 4.96 1.57 5.06
CA PRO A 145 5.81 0.41 5.36
C PRO A 145 5.62 -0.09 6.78
N ASN A 146 5.65 -1.40 6.96
CA ASN A 146 5.93 -1.92 8.29
C ASN A 146 7.42 -1.79 8.54
N THR A 147 7.89 -2.18 9.74
CA THR A 147 9.29 -1.93 10.03
C THR A 147 10.22 -2.77 9.16
N VAL A 148 9.81 -3.97 8.76
CA VAL A 148 10.65 -4.77 7.88
C VAL A 148 10.76 -4.12 6.50
N GLU A 149 9.63 -3.69 5.95
CA GLU A 149 9.65 -3.02 4.64
C GLU A 149 10.43 -1.72 4.69
N LEU A 150 10.31 -0.97 5.78
CA LEU A 150 11.07 0.27 5.92
C LEU A 150 12.57 0.01 5.87
N ARG A 151 13.05 -1.00 6.59
CA ARG A 151 14.46 -1.32 6.60
C ARG A 151 14.93 -1.83 5.24
N ALA A 152 14.09 -2.62 4.56
CA ALA A 152 14.48 -3.18 3.27
C ALA A 152 14.54 -2.11 2.19
N LEU A 153 13.58 -1.18 2.18
CA LEU A 153 13.60 -0.13 1.18
C LEU A 153 14.83 0.77 1.31
N THR A 154 15.32 0.96 2.53
CA THR A 154 16.36 1.95 2.79
C THR A 154 17.73 1.35 3.06
N GLY A 155 17.80 0.06 3.38
CA GLY A 155 19.06 -0.52 3.79
C GLY A 155 19.56 -0.03 5.13
N VAL A 156 18.66 0.46 5.98
CA VAL A 156 19.00 1.08 7.25
C VAL A 156 18.24 0.36 8.36
N THR A 157 18.96 -0.12 9.38
CA THR A 157 18.29 -0.87 10.44
C THR A 157 17.70 0.03 11.52
N ASP A 158 18.27 1.20 11.79
CA ASP A 158 17.69 2.09 12.79
C ASP A 158 16.41 2.72 12.23
N LEU A 159 15.31 2.57 12.97
CA LEU A 159 14.01 3.00 12.43
C LEU A 159 13.96 4.50 12.20
N ASP A 160 14.50 5.30 13.12
CA ASP A 160 14.50 6.74 12.92
C ASP A 160 15.32 7.13 11.70
N GLN A 161 16.53 6.56 11.58
CA GLN A 161 17.38 6.82 10.43
C GLN A 161 16.75 6.31 9.14
N ALA A 162 16.11 5.13 9.20
CA ALA A 162 15.46 4.60 8.00
C ALA A 162 14.32 5.51 7.55
N THR A 163 13.53 6.00 8.50
CA THR A 163 12.45 6.94 8.15
C THR A 163 13.02 8.16 7.45
N GLN A 164 14.08 8.74 8.00
CA GLN A 164 14.67 9.93 7.38
C GLN A 164 15.23 9.59 6.00
N LYS A 165 15.81 8.40 5.84
CA LYS A 165 16.33 7.99 4.55
C LYS A 165 15.21 7.91 3.52
N LEU A 166 14.04 7.40 3.91
CA LEU A 166 12.92 7.34 2.98
C LEU A 166 12.54 8.73 2.50
N PHE A 167 12.62 9.73 3.38
CA PHE A 167 12.36 11.10 2.96
C PHE A 167 13.48 11.64 2.08
N GLU A 168 14.74 11.26 2.35
CA GLU A 168 15.82 11.65 1.45
C GLU A 168 15.62 11.04 0.07
N MET A 169 14.97 9.87 0.00
CA MET A 169 14.66 9.20 -1.26
C MET A 169 13.43 9.79 -1.95
N GLY A 170 12.84 10.85 -1.40
CA GLY A 170 11.75 11.55 -2.05
C GLY A 170 10.38 11.31 -1.49
N ALA A 171 10.25 10.57 -0.38
CA ALA A 171 8.93 10.33 0.19
C ALA A 171 8.30 11.66 0.63
N LYS A 172 6.98 11.74 0.45
CA LYS A 172 6.22 12.91 0.88
C LYS A 172 5.59 12.72 2.25
N ALA A 173 5.15 11.51 2.55
CA ALA A 173 4.56 11.18 3.83
C ALA A 173 4.75 9.69 4.02
N VAL A 174 4.98 9.28 5.26
CA VAL A 174 5.26 7.89 5.56
C VAL A 174 4.49 7.52 6.81
N LEU A 175 3.72 6.45 6.74
CA LEU A 175 3.04 5.91 7.92
C LEU A 175 3.80 4.64 8.30
N VAL A 176 4.63 4.73 9.33
CA VAL A 176 5.43 3.59 9.75
C VAL A 176 4.60 2.76 10.69
N LYS A 177 4.39 1.51 10.34
CA LYS A 177 3.58 0.59 11.13
C LYS A 177 4.52 -0.22 12.01
N GLY A 178 4.48 0.06 13.31
CA GLY A 178 5.31 -0.62 14.27
C GLY A 178 6.51 0.21 14.68
N GLY A 179 7.19 -0.25 15.72
CA GLY A 179 8.34 0.46 16.22
C GLY A 179 8.60 0.12 17.67
N HIS A 180 9.42 0.96 18.31
CA HIS A 180 9.84 0.72 19.68
C HIS A 180 8.72 0.88 20.69
N GLU A 181 7.54 1.33 20.26
CA GLU A 181 6.41 1.55 21.16
C GLU A 181 5.37 0.43 21.10
N ASP A 182 5.67 -0.64 20.37
CA ASP A 182 4.73 -1.76 20.27
C ASP A 182 4.65 -2.53 21.58
N THR A 183 3.48 -3.14 21.82
CA THR A 183 3.20 -3.97 22.99
C THR A 183 2.44 -5.22 22.52
N PRO A 184 2.19 -6.19 23.39
CA PRO A 184 1.37 -7.34 22.98
C PRO A 184 0.02 -6.98 22.39
N ASP A 185 -0.61 -5.90 22.84
CA ASP A 185 -1.96 -5.57 22.43
C ASP A 185 -2.06 -4.56 21.30
N PHE A 186 -1.01 -3.77 21.05
CA PHE A 186 -1.09 -2.69 20.09
C PHE A 186 0.21 -2.58 19.30
N ILE A 187 0.06 -2.31 18.01
CA ILE A 187 1.15 -1.84 17.16
C ILE A 187 1.06 -0.32 17.11
N LYS A 188 2.19 0.35 17.30
CA LYS A 188 2.24 1.81 17.27
C LYS A 188 2.56 2.28 15.87
N ASN A 189 1.74 3.20 15.36
CA ASN A 189 1.95 3.78 14.03
C ASN A 189 2.39 5.23 14.18
N SER A 190 3.34 5.63 13.34
CA SER A 190 3.84 7.00 13.32
C SER A 190 3.66 7.56 11.92
N LEU A 191 2.92 8.67 11.82
CA LEU A 191 2.73 9.35 10.56
C LEU A 191 3.71 10.51 10.48
N TYR A 192 4.58 10.46 9.48
CA TYR A 192 5.55 11.52 9.20
C TYR A 192 5.14 12.22 7.93
N ILE A 193 5.17 13.55 7.95
CA ILE A 193 4.92 14.38 6.78
C ILE A 193 6.13 15.27 6.60
N ASP A 194 6.77 15.20 5.44
CA ASP A 194 7.95 16.01 5.11
C ASP A 194 9.05 15.84 6.17
N GLY A 195 9.21 14.61 6.65
CA GLY A 195 10.25 14.28 7.60
C GLY A 195 9.91 14.52 9.05
N GLU A 196 8.77 15.14 9.34
CA GLU A 196 8.41 15.49 10.72
C GLU A 196 7.26 14.62 11.21
N LEU A 197 7.35 14.22 12.48
CA LEU A 197 6.26 13.43 13.07
C LEU A 197 4.99 14.28 13.16
N ALA A 198 3.95 13.85 12.45
CA ALA A 198 2.69 14.58 12.36
C ALA A 198 1.59 13.99 13.23
N ALA A 199 1.60 12.68 13.42
CA ALA A 199 0.66 12.04 14.30
C ALA A 199 1.30 10.76 14.77
N SER A 200 1.17 10.46 16.07
N SER A 200 1.35 10.57 16.08
CA SER A 200 1.62 9.20 16.66
CA SER A 200 1.55 9.23 16.58
C SER A 200 0.42 8.46 17.22
C SER A 200 0.18 8.56 16.63
N SER A 201 0.20 7.24 16.75
CA SER A 201 -1.05 6.52 17.00
C SER A 201 -0.73 5.05 17.23
N THR A 202 -1.76 4.32 17.60
CA THR A 202 -1.69 2.88 17.74
C THR A 202 -2.69 2.25 16.77
N CYS A 203 -2.71 0.94 16.78
CA CYS A 203 -3.58 0.12 15.95
C CYS A 203 -3.74 -1.24 16.62
N PRO A 204 -4.96 -1.61 16.99
CA PRO A 204 -5.14 -2.87 17.74
C PRO A 204 -4.73 -4.07 16.89
N ARG A 205 -3.74 -4.81 17.40
CA ARG A 205 -3.23 -6.03 16.78
C ARG A 205 -2.10 -6.61 17.64
N CYS A 215 -1.31 -4.80 10.62
CA CYS A 215 -2.04 -3.55 10.53
C CYS A 215 -2.16 -3.09 9.07
N SER A 216 -3.20 -3.53 8.38
CA SER A 216 -3.34 -3.30 6.93
C SER A 216 -4.22 -2.07 6.73
N LEU A 217 -3.58 -0.90 6.65
CA LEU A 217 -4.30 0.36 6.64
C LEU A 217 -4.34 1.04 5.28
N ALA A 218 -3.49 0.62 4.34
CA ALA A 218 -3.27 1.42 3.14
C ALA A 218 -4.54 1.59 2.33
N SER A 219 -5.29 0.50 2.13
CA SER A 219 -6.47 0.60 1.29
C SER A 219 -7.57 1.41 1.96
N PHE A 220 -7.76 1.24 3.27
CA PHE A 220 -8.75 2.05 3.96
C PHE A 220 -8.38 3.53 3.89
N ILE A 221 -7.11 3.85 4.12
CA ILE A 221 -6.65 5.22 4.00
C ILE A 221 -6.88 5.75 2.60
N ALA A 222 -6.58 4.93 1.59
CA ALA A 222 -6.80 5.36 0.21
C ALA A 222 -8.25 5.72 -0.02
N GLY A 223 -9.18 4.92 0.53
CA GLY A 223 -10.58 5.24 0.39
C GLY A 223 -10.96 6.56 1.04
N ARG A 224 -10.41 6.82 2.24
CA ARG A 224 -10.70 8.08 2.91
C ARG A 224 -10.09 9.25 2.15
N LEU A 225 -8.88 9.08 1.61
CA LEU A 225 -8.31 10.12 0.76
C LEU A 225 -9.19 10.37 -0.47
N ALA A 226 -9.69 9.30 -1.09
CA ALA A 226 -10.59 9.45 -2.23
C ALA A 226 -11.82 10.25 -1.85
N LEU A 227 -12.32 10.09 -0.63
CA LEU A 227 -13.48 10.81 -0.13
C LEU A 227 -13.15 12.23 0.32
N GLY A 228 -11.90 12.67 0.20
CA GLY A 228 -11.53 14.04 0.46
C GLY A 228 -10.92 14.30 1.82
N ASP A 229 -10.65 13.26 2.60
CA ASP A 229 -10.03 13.46 3.91
C ASP A 229 -8.59 13.93 3.75
N SER A 230 -8.13 14.70 4.73
CA SER A 230 -6.70 14.93 4.85
C SER A 230 -6.01 13.64 5.30
N LEU A 231 -4.68 13.60 5.12
CA LEU A 231 -3.90 12.46 5.58
C LEU A 231 -4.13 12.16 7.05
N LYS A 232 -4.02 13.18 7.91
CA LYS A 232 -4.19 12.96 9.35
CA LYS A 232 -4.19 12.97 9.34
C LYS A 232 -5.59 12.43 9.65
N ILE A 233 -6.61 13.00 9.00
CA ILE A 233 -7.97 12.54 9.27
C ILE A 233 -8.17 11.14 8.72
N ALA A 234 -7.59 10.85 7.56
CA ALA A 234 -7.69 9.51 6.99
C ALA A 234 -7.04 8.48 7.89
N VAL A 235 -5.85 8.78 8.40
CA VAL A 235 -5.17 7.83 9.28
C VAL A 235 -5.97 7.63 10.55
N GLN A 236 -6.53 8.72 11.11
CA GLN A 236 -7.34 8.58 12.30
C GLN A 236 -8.56 7.71 12.06
N HIS A 237 -9.23 7.93 10.92
CA HIS A 237 -10.39 7.10 10.57
CA HIS A 237 -10.39 7.10 10.58
C HIS A 237 -10.00 5.64 10.47
N ALA A 238 -8.82 5.35 9.90
CA ALA A 238 -8.39 3.97 9.76
C ALA A 238 -8.23 3.30 11.13
N GLU A 239 -7.65 4.01 12.10
CA GLU A 239 -7.52 3.44 13.45
CA GLU A 239 -7.52 3.41 13.43
C GLU A 239 -8.88 3.24 14.10
N THR A 240 -9.77 4.22 13.95
CA THR A 240 -11.11 4.08 14.51
C THR A 240 -11.82 2.87 13.93
N TRP A 241 -11.63 2.64 12.63
CA TRP A 241 -12.19 1.47 11.97
C TRP A 241 -11.70 0.18 12.62
N LEU A 242 -10.38 0.04 12.80
CA LEU A 242 -9.85 -1.17 13.41
C LEU A 242 -10.29 -1.32 14.87
N PHE A 243 -10.29 -0.22 15.62
CA PHE A 243 -10.80 -0.29 16.99
C PHE A 243 -12.30 -0.59 17.03
N GLY A 244 -13.02 -0.27 15.95
CA GLY A 244 -14.42 -0.64 15.87
C GLY A 244 -14.61 -2.12 15.61
N VAL A 245 -13.68 -2.74 14.90
CA VAL A 245 -13.72 -4.20 14.74
C VAL A 245 -13.52 -4.87 16.10
N LEU A 246 -12.65 -4.30 16.93
CA LEU A 246 -12.44 -4.82 18.28
C LEU A 246 -13.56 -4.38 19.21
N1 PLP B . -0.75 -8.98 -1.51
N1 PLP B . -0.99 -8.99 -1.45
C2 PLP B . -0.77 -10.35 -1.57
C2 PLP B . -0.82 -10.35 -1.46
C2A PLP B . -1.17 -10.96 -2.87
C2A PLP B . -1.06 -11.03 -2.77
C3 PLP B . -0.43 -11.14 -0.48
C3 PLP B . -0.44 -11.07 -0.33
O3 PLP B . -0.48 -12.48 -0.63
O3 PLP B . -0.30 -12.42 -0.45
C4 PLP B . -0.05 -10.54 0.75
C4 PLP B . -0.21 -10.40 0.89
C4A PLP B . 0.31 -11.39 1.90
C4A PLP B . 0.19 -11.18 2.10
O4A PLP B . 0.13 -12.60 1.85
O4A PLP B . 0.98 -10.76 2.92
C5 PLP B . -0.03 -9.15 0.81
C5 PLP B . -0.41 -9.02 0.92
C6 PLP B . -0.40 -8.42 -0.36
C6 PLP B . -0.79 -8.37 -0.29
C5A PLP B . 0.33 -8.31 2.03
C5A PLP B . -0.23 -8.14 2.13
O4P PLP B . -0.43 -7.15 2.01
O4P PLP B . -0.81 -6.91 1.95
P PLP B . -0.50 -6.16 3.62
P PLP B . -2.64 -6.89 2.31
O1P PLP B . -1.90 -5.61 3.41
O1P PLP B . -2.61 -5.68 3.23
O2P PLP B . -0.33 -7.22 4.69
O2P PLP B . -2.89 -8.23 2.94
O3P PLP B . 0.63 -5.21 3.38
O3P PLP B . -3.13 -6.64 0.91
#